data_7N9K
#
_entry.id   7N9K
#
_cell.length_a   106.577
_cell.length_b   106.577
_cell.length_c   89.597
_cell.angle_alpha   90.000
_cell.angle_beta   90.000
_cell.angle_gamma   90.000
#
_symmetry.space_group_name_H-M   'P 4 21 2'
#
loop_
_entity.id
_entity.type
_entity.pdbx_description
1 polymer 'Inward rectifier potassium channel Kirbac3.1'
2 non-polymer 1,2-DIOLEOYL-SN-GLYCERO-3-PHOSPHOCHOLINE
3 non-polymer 'trimethylamine oxide'
4 non-polymer N-OCTANE
5 non-polymer 'POTASSIUM ION'
6 water water
#
_entity_poly.entity_id   1
_entity_poly.type   'polypeptide(L)'
_entity_poly.pdbx_seq_one_letter_code
;MTGGMKPPARKPRILNSDGSSNITRLGLEKRGWLDDHYHDLLTVSWPVFITLITGLYLVTNALFALAYLASGDVIENARP
GSFTDAFFFSVQTMATIGYGKLIPIGPLANTLVTLEALCGMLGMAVAASLIYARFTRPTAGVLFSSRMVISDFEGKPTLM
MRLANLRIEQIIEADVHLVLVRSEISQEGMVFRRFHDLTLTRSRSPIFSLSWTVMHPIDHHSPIYGETDETLRNSHSEFL
VLFTGHHEAFAQNVHARHAYSSDEIIWGGHFVDVFTTLPDGRRALDLGKFHEIAQHHHHHH
;
_entity_poly.pdbx_strand_id   A
#
loop_
_chem_comp.id
_chem_comp.type
_chem_comp.name
_chem_comp.formula
K non-polymer 'POTASSIUM ION' 'K 1'
OCT non-polymer N-OCTANE 'C8 H18'
PCW non-polymer 1,2-DIOLEOYL-SN-GLYCERO-3-PHOSPHOCHOLINE 'C44 H85 N O8 P 1'
TMO non-polymer 'trimethylamine oxide' 'C3 H9 N O'
#
# COMPACT_ATOMS: atom_id res chain seq x y z
N PRO A 12 -20.08 5.83 16.04
CA PRO A 12 -18.83 6.18 15.36
C PRO A 12 -17.79 5.07 15.48
N ARG A 13 -17.29 4.57 14.35
CA ARG A 13 -16.35 3.47 14.35
C ARG A 13 -14.92 3.99 14.46
N ILE A 14 -14.11 3.29 15.24
CA ILE A 14 -12.72 3.68 15.46
C ILE A 14 -11.77 3.18 14.38
N LEU A 15 -12.17 2.15 13.63
CA LEU A 15 -11.39 1.62 12.52
C LEU A 15 -12.24 1.64 11.25
N ASN A 16 -11.67 2.17 10.17
CA ASN A 16 -12.37 2.16 8.90
C ASN A 16 -12.39 0.75 8.32
N SER A 17 -13.29 0.54 7.35
CA SER A 17 -13.42 -0.78 6.74
C SER A 17 -12.12 -1.25 6.11
N ASP A 18 -11.29 -0.32 5.66
CA ASP A 18 -10.05 -0.66 4.98
C ASP A 18 -8.90 -0.92 5.95
N GLY A 19 -9.16 -0.89 7.25
CA GLY A 19 -8.14 -1.10 8.26
C GLY A 19 -7.51 0.17 8.80
N SER A 20 -7.78 1.31 8.18
CA SER A 20 -7.26 2.58 8.68
C SER A 20 -7.86 2.91 10.04
N SER A 21 -7.26 3.88 10.71
CA SER A 21 -7.79 4.41 11.96
C SER A 21 -8.51 5.72 11.67
N ASN A 22 -9.64 5.92 12.34
CA ASN A 22 -10.47 7.12 12.16
C ASN A 22 -10.25 8.10 13.30
N ILE A 23 -8.98 8.46 13.54
CA ILE A 23 -8.60 9.33 14.64
C ILE A 23 -7.98 10.60 14.06
N THR A 24 -8.41 11.75 14.57
CA THR A 24 -7.84 13.03 14.15
C THR A 24 -6.51 13.26 14.87
N ARG A 25 -5.47 13.54 14.10
CA ARG A 25 -4.13 13.70 14.65
C ARG A 25 -3.86 15.17 14.91
N LEU A 26 -3.97 15.58 16.17
CA LEU A 26 -3.66 16.96 16.54
C LEU A 26 -2.20 17.28 16.27
N GLY A 27 -1.30 16.41 16.73
CA GLY A 27 0.12 16.61 16.55
C GLY A 27 0.78 17.18 17.79
N LEU A 28 2.05 17.53 17.63
CA LEU A 28 2.84 18.11 18.70
C LEU A 28 3.80 19.17 18.15
N TRP A 33 9.94 21.58 5.50
CA TRP A 33 9.50 20.93 4.28
C TRP A 33 10.57 19.97 3.76
N LEU A 34 11.56 19.68 4.60
CA LEU A 34 12.62 18.74 4.22
C LEU A 34 13.02 17.82 5.37
N ASP A 35 12.30 17.83 6.49
CA ASP A 35 12.62 16.94 7.60
C ASP A 35 12.30 15.48 7.30
N ASP A 36 11.57 15.20 6.23
CA ASP A 36 11.19 13.84 5.88
C ASP A 36 11.14 13.72 4.36
N HIS A 37 12.23 14.12 3.69
CA HIS A 37 12.18 14.31 2.24
C HIS A 37 12.00 12.98 1.52
N TYR A 38 12.66 11.91 1.99
CA TYR A 38 12.55 10.64 1.29
C TYR A 38 11.14 10.09 1.39
N HIS A 39 10.52 10.16 2.58
CA HIS A 39 9.13 9.75 2.74
C HIS A 39 8.21 10.55 1.82
N ASP A 40 8.32 11.89 1.87
CA ASP A 40 7.40 12.72 1.13
C ASP A 40 7.48 12.46 -0.37
N LEU A 41 8.69 12.27 -0.89
CA LEU A 41 8.83 12.03 -2.33
C LEU A 41 8.20 10.72 -2.75
N LEU A 42 8.10 9.74 -1.83
CA LEU A 42 7.48 8.47 -2.16
C LEU A 42 5.97 8.46 -1.99
N THR A 43 5.43 9.35 -1.16
CA THR A 43 4.01 9.33 -0.82
C THR A 43 3.17 10.34 -1.58
N VAL A 44 3.79 11.38 -2.16
CA VAL A 44 3.02 12.32 -2.96
C VAL A 44 2.44 11.62 -4.18
N SER A 45 1.36 12.18 -4.71
CA SER A 45 0.75 11.63 -5.90
C SER A 45 1.72 11.71 -7.07
N TRP A 46 1.45 10.92 -8.11
CA TRP A 46 2.29 10.98 -9.30
C TRP A 46 2.27 12.35 -9.95
N PRO A 47 1.13 13.03 -10.11
CA PRO A 47 1.18 14.39 -10.66
C PRO A 47 2.05 15.33 -9.87
N VAL A 48 1.96 15.29 -8.54
CA VAL A 48 2.84 16.12 -7.71
C VAL A 48 4.28 15.68 -7.85
N PHE A 49 4.52 14.37 -7.95
CA PHE A 49 5.89 13.89 -8.12
C PHE A 49 6.47 14.35 -9.45
N ILE A 50 5.75 14.08 -10.55
CA ILE A 50 6.23 14.50 -11.86
C ILE A 50 6.45 16.01 -11.88
N THR A 51 5.61 16.76 -11.17
CA THR A 51 5.77 18.21 -11.13
C THR A 51 7.06 18.60 -10.42
N LEU A 52 7.34 17.98 -9.27
CA LEU A 52 8.56 18.33 -8.53
C LEU A 52 9.81 17.98 -9.34
N ILE A 53 9.83 16.80 -9.97
CA ILE A 53 10.98 16.41 -10.79
C ILE A 53 11.16 17.41 -11.92
N THR A 54 10.07 17.76 -12.60
CA THR A 54 10.17 18.75 -13.67
C THR A 54 10.72 20.06 -13.14
N GLY A 55 10.29 20.48 -11.96
CA GLY A 55 10.81 21.69 -11.35
C GLY A 55 12.31 21.66 -11.21
N LEU A 56 12.84 20.69 -10.47
CA LEU A 56 14.28 20.56 -10.33
C LEU A 56 14.96 20.53 -11.70
N TYR A 57 14.36 19.82 -12.65
CA TYR A 57 14.94 19.70 -13.99
C TYR A 57 15.10 21.06 -14.66
N LEU A 58 14.15 21.97 -14.44
CA LEU A 58 14.21 23.30 -15.04
C LEU A 58 15.06 24.25 -14.21
N VAL A 59 14.85 24.28 -12.89
CA VAL A 59 15.62 25.18 -12.04
C VAL A 59 17.11 24.94 -12.19
N THR A 60 17.53 23.67 -12.14
CA THR A 60 18.96 23.38 -12.24
C THR A 60 19.51 23.76 -13.60
N ASN A 61 18.72 23.58 -14.66
CA ASN A 61 19.18 24.00 -15.99
C ASN A 61 19.30 25.51 -16.06
N ALA A 62 18.32 26.24 -15.53
CA ALA A 62 18.43 27.69 -15.47
C ALA A 62 19.70 28.11 -14.73
N LEU A 63 19.96 27.50 -13.57
CA LEU A 63 21.16 27.84 -12.82
C LEU A 63 22.40 27.70 -13.69
N PHE A 64 22.55 26.55 -14.36
CA PHE A 64 23.72 26.34 -15.21
C PHE A 64 23.74 27.36 -16.36
N ALA A 65 22.58 27.66 -16.93
CA ALA A 65 22.54 28.67 -17.99
C ALA A 65 23.10 29.99 -17.50
N LEU A 66 22.79 30.36 -16.26
CA LEU A 66 23.34 31.60 -15.70
C LEU A 66 24.82 31.46 -15.40
N ALA A 67 25.30 30.24 -15.13
CA ALA A 67 26.72 30.03 -14.92
C ALA A 67 27.51 30.19 -16.21
N TYR A 68 26.87 30.01 -17.37
CA TYR A 68 27.57 30.18 -18.63
C TYR A 68 27.67 31.64 -19.03
N LEU A 69 26.61 32.41 -18.76
CA LEU A 69 26.65 33.85 -19.07
C LEU A 69 27.59 34.59 -18.12
N ALA A 70 27.71 34.13 -16.87
CA ALA A 70 28.58 34.74 -15.87
C ALA A 70 30.06 34.54 -16.16
N SER A 71 30.41 33.96 -17.32
CA SER A 71 31.80 33.80 -17.72
C SER A 71 32.04 34.30 -19.14
N GLY A 72 31.12 35.06 -19.68
CA GLY A 72 31.25 35.59 -21.03
C GLY A 72 30.48 34.78 -22.06
N ASP A 73 30.64 35.19 -23.32
CA ASP A 73 30.01 34.51 -24.45
C ASP A 73 30.83 33.29 -24.80
N VAL A 74 30.61 32.22 -24.02
CA VAL A 74 31.36 30.98 -24.17
C VAL A 74 30.51 29.89 -24.83
N ILE A 75 29.50 30.27 -25.60
CA ILE A 75 28.63 29.32 -26.30
C ILE A 75 28.60 29.75 -27.77
N GLU A 76 29.17 28.93 -28.65
CA GLU A 76 29.16 29.25 -30.06
C GLU A 76 27.74 29.25 -30.61
N ASN A 77 27.53 30.08 -31.64
CA ASN A 77 26.24 30.20 -32.31
C ASN A 77 25.11 30.57 -31.36
N ALA A 78 25.44 31.22 -30.25
CA ALA A 78 24.45 31.62 -29.25
C ALA A 78 24.44 33.14 -29.15
N ARG A 79 23.25 33.71 -29.25
CA ARG A 79 23.09 35.16 -29.10
C ARG A 79 23.73 35.60 -27.78
N PRO A 80 24.64 36.56 -27.80
CA PRO A 80 25.34 36.92 -26.55
C PRO A 80 24.38 37.43 -25.50
N GLY A 81 24.59 36.98 -24.25
CA GLY A 81 23.75 37.38 -23.15
C GLY A 81 22.32 36.88 -23.20
N SER A 82 21.94 36.11 -24.22
CA SER A 82 20.59 35.58 -24.32
C SER A 82 20.44 34.39 -23.37
N PHE A 83 19.49 34.49 -22.44
CA PHE A 83 19.25 33.38 -21.53
C PHE A 83 18.59 32.21 -22.26
N THR A 84 17.69 32.50 -23.21
CA THR A 84 17.01 31.43 -23.93
C THR A 84 18.01 30.50 -24.60
N ASP A 85 18.95 31.05 -25.36
CA ASP A 85 19.93 30.21 -26.04
C ASP A 85 20.84 29.49 -25.05
N ALA A 86 21.12 30.09 -23.90
CA ALA A 86 21.96 29.43 -22.91
C ALA A 86 21.21 28.31 -22.20
N PHE A 87 19.91 28.49 -21.99
CA PHE A 87 19.13 27.45 -21.32
C PHE A 87 19.10 26.17 -22.14
N PHE A 88 18.78 26.29 -23.43
CA PHE A 88 18.68 25.10 -24.28
C PHE A 88 20.04 24.45 -24.49
N PHE A 89 21.13 25.21 -24.37
CA PHE A 89 22.45 24.58 -24.39
C PHE A 89 22.68 23.77 -23.13
N SER A 90 22.19 24.27 -21.99
CA SER A 90 22.27 23.49 -20.76
C SER A 90 21.42 22.23 -20.88
N VAL A 91 20.20 22.38 -21.42
CA VAL A 91 19.35 21.21 -21.64
C VAL A 91 20.07 20.19 -22.49
N GLN A 92 20.55 20.61 -23.66
CA GLN A 92 21.23 19.68 -24.56
C GLN A 92 22.50 19.13 -23.96
N THR A 93 23.05 19.76 -22.92
CA THR A 93 24.25 19.28 -22.26
C THR A 93 23.91 18.34 -21.11
N MET A 94 22.98 18.75 -20.24
CA MET A 94 22.56 17.87 -19.16
C MET A 94 21.95 16.59 -19.70
N ALA A 95 21.16 16.68 -20.77
CA ALA A 95 20.57 15.48 -21.37
C ALA A 95 21.56 14.70 -22.22
N THR A 96 22.70 15.30 -22.58
CA THR A 96 23.75 14.67 -23.38
C THR A 96 23.34 14.47 -24.84
N ILE A 97 22.46 15.34 -25.36
CA ILE A 97 22.09 15.28 -26.76
C ILE A 97 23.25 15.76 -27.65
N GLY A 98 23.74 16.96 -27.38
CA GLY A 98 24.91 17.47 -28.08
C GLY A 98 24.71 17.61 -29.58
N TYR A 99 23.79 18.49 -29.98
CA TYR A 99 23.45 18.60 -31.39
C TYR A 99 24.66 18.99 -32.22
N GLY A 100 25.24 20.15 -31.94
CA GLY A 100 26.39 20.61 -32.71
C GLY A 100 26.47 22.13 -32.84
N LYS A 101 25.35 22.78 -33.14
CA LYS A 101 25.35 24.23 -33.27
C LYS A 101 25.88 24.87 -31.99
N LEU A 102 25.21 24.61 -30.86
CA LEU A 102 25.63 25.14 -29.57
C LEU A 102 26.73 24.25 -29.02
N ILE A 103 27.88 24.85 -28.71
CA ILE A 103 29.04 24.10 -28.24
C ILE A 103 29.85 24.98 -27.30
N PRO A 104 30.51 24.42 -26.29
CA PRO A 104 31.30 25.24 -25.37
C PRO A 104 32.62 25.67 -25.98
N ILE A 105 33.02 26.90 -25.66
CA ILE A 105 34.31 27.45 -26.08
C ILE A 105 34.96 28.08 -24.87
N GLY A 106 36.24 27.78 -24.66
CA GLY A 106 36.97 28.30 -23.53
C GLY A 106 37.05 27.29 -22.40
N PRO A 107 38.18 27.28 -21.66
CA PRO A 107 38.30 26.31 -20.57
C PRO A 107 37.23 26.45 -19.51
N LEU A 108 36.67 27.65 -19.33
CA LEU A 108 35.68 27.83 -18.28
C LEU A 108 34.38 27.12 -18.61
N ALA A 109 33.89 27.26 -19.85
CA ALA A 109 32.66 26.60 -20.23
C ALA A 109 32.82 25.08 -20.21
N ASN A 110 33.96 24.58 -20.69
CA ASN A 110 34.17 23.14 -20.72
C ASN A 110 34.27 22.55 -19.33
N THR A 111 34.71 23.34 -18.34
CA THR A 111 34.72 22.85 -16.97
C THR A 111 33.30 22.81 -16.39
N LEU A 112 32.49 23.82 -16.69
CA LEU A 112 31.10 23.79 -16.26
C LEU A 112 30.34 22.66 -16.95
N VAL A 113 30.61 22.43 -18.24
CA VAL A 113 30.02 21.29 -18.91
C VAL A 113 30.39 20.01 -18.19
N THR A 114 31.67 19.86 -17.84
CA THR A 114 32.10 18.68 -17.10
C THR A 114 31.33 18.55 -15.79
N LEU A 115 31.13 19.66 -15.09
CA LEU A 115 30.37 19.63 -13.83
C LEU A 115 28.90 19.32 -14.09
N GLU A 116 28.31 19.98 -15.09
CA GLU A 116 26.89 19.78 -15.37
C GLU A 116 26.60 18.32 -15.71
N ALA A 117 27.45 17.70 -16.52
CA ALA A 117 27.24 16.28 -16.83
C ALA A 117 27.27 15.43 -15.58
N LEU A 118 28.24 15.69 -14.69
CA LEU A 118 28.28 14.98 -13.42
C LEU A 118 27.02 15.25 -12.60
N CYS A 119 26.57 16.50 -12.55
CA CYS A 119 25.39 16.84 -11.78
C CYS A 119 24.14 16.16 -12.34
N GLY A 120 24.05 16.06 -13.67
CA GLY A 120 22.89 15.43 -14.27
C GLY A 120 22.85 13.93 -14.02
N MET A 121 24.01 13.27 -14.11
N MET A 121 24.01 13.28 -14.05
CA MET A 121 24.06 11.84 -13.84
CA MET A 121 24.06 11.84 -13.85
C MET A 121 23.67 11.55 -12.39
C MET A 121 23.80 11.47 -12.39
N LEU A 122 24.19 12.34 -11.46
CA LEU A 122 23.85 12.13 -10.05
C LEU A 122 22.37 12.39 -9.81
N GLY A 123 21.82 13.42 -10.45
CA GLY A 123 20.39 13.70 -10.28
C GLY A 123 19.52 12.66 -10.96
N MET A 124 19.93 12.20 -12.14
CA MET A 124 19.19 11.15 -12.82
C MET A 124 19.15 9.87 -11.98
N ALA A 125 20.26 9.53 -11.32
CA ALA A 125 20.29 8.33 -10.51
C ALA A 125 19.34 8.45 -9.32
N VAL A 126 19.26 9.63 -8.71
CA VAL A 126 18.35 9.83 -7.60
C VAL A 126 16.89 9.78 -8.09
N ALA A 127 16.61 10.43 -9.22
CA ALA A 127 15.26 10.38 -9.77
C ALA A 127 14.87 8.95 -10.13
N ALA A 128 15.79 8.19 -10.73
CA ALA A 128 15.51 6.82 -11.08
C ALA A 128 15.25 5.97 -9.84
N SER A 129 16.06 6.17 -8.80
CA SER A 129 15.85 5.44 -7.55
C SER A 129 14.45 5.68 -7.01
N LEU A 130 14.00 6.93 -7.03
CA LEU A 130 12.68 7.25 -6.50
C LEU A 130 11.58 6.67 -7.38
N ILE A 131 11.74 6.77 -8.69
CA ILE A 131 10.77 6.17 -9.60
C ILE A 131 10.64 4.68 -9.34
N TYR A 132 11.78 3.96 -9.33
CA TYR A 132 11.73 2.53 -9.04
C TYR A 132 11.03 2.28 -7.70
N ALA A 133 11.43 3.02 -6.66
CA ALA A 133 10.87 2.79 -5.33
C ALA A 133 9.37 3.02 -5.30
N ARG A 134 8.90 3.99 -6.06
CA ARG A 134 7.46 4.27 -6.09
C ARG A 134 6.73 3.25 -6.96
N PHE A 135 7.32 2.90 -8.10
CA PHE A 135 6.61 2.09 -9.09
C PHE A 135 6.44 0.65 -8.61
N THR A 136 7.48 0.07 -8.02
CA THR A 136 7.46 -1.36 -7.67
C THR A 136 6.85 -1.55 -6.27
N ARG A 137 5.58 -1.19 -6.18
CA ARG A 137 4.77 -1.37 -4.97
C ARG A 137 3.59 -2.27 -5.33
N PRO A 138 3.73 -3.58 -5.22
CA PRO A 138 2.62 -4.47 -5.60
C PRO A 138 1.46 -4.39 -4.62
N THR A 139 0.28 -4.74 -5.13
CA THR A 139 -0.92 -4.88 -4.31
C THR A 139 -1.29 -6.35 -4.20
N ALA A 140 -1.81 -6.72 -3.03
CA ALA A 140 -2.05 -8.13 -2.74
C ALA A 140 -3.07 -8.76 -3.67
N GLY A 141 -4.03 -7.97 -4.17
CA GLY A 141 -5.10 -8.54 -4.97
C GLY A 141 -6.00 -9.47 -4.18
N VAL A 142 -6.22 -9.19 -2.90
CA VAL A 142 -6.98 -10.04 -2.02
C VAL A 142 -8.31 -9.38 -1.70
N LEU A 143 -9.37 -10.18 -1.67
CA LEU A 143 -10.73 -9.70 -1.43
C LEU A 143 -11.19 -10.20 -0.07
N PHE A 144 -11.74 -9.29 0.74
CA PHE A 144 -12.27 -9.63 2.04
C PHE A 144 -13.78 -9.79 1.97
N SER A 145 -14.32 -10.75 2.73
CA SER A 145 -15.75 -10.89 2.83
C SER A 145 -16.35 -9.64 3.47
N SER A 146 -17.46 -9.15 2.90
CA SER A 146 -18.05 -7.90 3.37
C SER A 146 -18.52 -8.01 4.82
N ARG A 147 -18.92 -9.20 5.25
CA ARG A 147 -19.41 -9.42 6.60
C ARG A 147 -18.61 -10.57 7.23
N MET A 148 -18.86 -10.78 8.52
CA MET A 148 -18.43 -11.96 9.24
C MET A 148 -19.66 -12.79 9.62
N VAL A 149 -19.42 -13.94 10.24
CA VAL A 149 -20.51 -14.80 10.71
C VAL A 149 -20.07 -15.47 12.00
N ILE A 150 -21.06 -15.91 12.78
CA ILE A 150 -20.83 -16.73 13.98
C ILE A 150 -21.81 -17.88 13.90
N SER A 151 -21.33 -19.05 13.50
CA SER A 151 -22.13 -20.26 13.44
C SER A 151 -21.33 -21.40 14.05
N ASP A 152 -22.00 -22.54 14.23
CA ASP A 152 -21.35 -23.69 14.85
C ASP A 152 -20.51 -24.43 13.82
N PHE A 153 -19.30 -24.78 14.20
CA PHE A 153 -18.40 -25.57 13.37
C PHE A 153 -17.64 -26.53 14.28
N GLU A 154 -17.72 -27.82 13.97
CA GLU A 154 -17.08 -28.85 14.78
C GLU A 154 -17.55 -28.79 16.23
N GLY A 155 -18.79 -28.37 16.45
CA GLY A 155 -19.38 -28.38 17.78
C GLY A 155 -19.17 -27.13 18.61
N LYS A 156 -18.53 -26.09 18.07
CA LYS A 156 -18.33 -24.86 18.81
C LYS A 156 -18.85 -23.68 18.00
N PRO A 157 -19.43 -22.67 18.63
CA PRO A 157 -19.69 -21.41 17.91
C PRO A 157 -18.37 -20.80 17.46
N THR A 158 -18.29 -20.50 16.16
CA THR A 158 -17.05 -20.09 15.51
C THR A 158 -17.26 -18.78 14.76
N LEU A 159 -16.40 -17.81 15.03
CA LEU A 159 -16.37 -16.57 14.26
C LEU A 159 -15.59 -16.80 12.97
N MET A 160 -16.13 -16.31 11.84
CA MET A 160 -15.53 -16.59 10.55
C MET A 160 -15.62 -15.38 9.63
N MET A 161 -14.61 -15.29 8.75
CA MET A 161 -14.65 -14.49 7.54
C MET A 161 -13.81 -15.26 6.52
N ARG A 162 -13.71 -14.74 5.30
CA ARG A 162 -12.96 -15.46 4.30
C ARG A 162 -12.31 -14.50 3.32
N LEU A 163 -11.29 -15.00 2.63
CA LEU A 163 -10.46 -14.25 1.71
C LEU A 163 -10.44 -14.94 0.35
N ALA A 164 -10.23 -14.15 -0.70
CA ALA A 164 -10.19 -14.68 -2.05
C ALA A 164 -9.05 -14.02 -2.82
N ASN A 165 -8.35 -14.83 -3.61
CA ASN A 165 -7.26 -14.33 -4.46
C ASN A 165 -7.83 -13.94 -5.82
N LEU A 166 -7.78 -12.64 -6.14
CA LEU A 166 -8.35 -12.12 -7.38
C LEU A 166 -7.46 -12.35 -8.59
N ARG A 167 -6.30 -12.98 -8.43
CA ARG A 167 -5.38 -13.23 -9.52
C ARG A 167 -5.13 -14.73 -9.63
N ILE A 168 -4.55 -15.13 -10.77
CA ILE A 168 -4.26 -16.55 -10.97
C ILE A 168 -2.99 -16.95 -10.20
N GLU A 169 -2.01 -16.06 -10.13
CA GLU A 169 -0.77 -16.40 -9.44
C GLU A 169 -1.01 -16.66 -7.97
N GLN A 170 -0.26 -17.60 -7.41
CA GLN A 170 -0.45 -18.03 -6.04
C GLN A 170 0.37 -17.18 -5.08
N ILE A 171 -0.06 -17.20 -3.82
CA ILE A 171 0.62 -16.50 -2.73
C ILE A 171 1.08 -17.55 -1.73
N ILE A 172 2.36 -17.57 -1.44
CA ILE A 172 2.95 -18.59 -0.59
C ILE A 172 3.24 -18.01 0.78
N GLU A 173 3.25 -18.88 1.79
CA GLU A 173 3.41 -18.49 3.18
C GLU A 173 2.47 -17.34 3.53
N ALA A 174 1.18 -17.57 3.28
CA ALA A 174 0.16 -16.59 3.58
C ALA A 174 -0.20 -16.65 5.06
N ASP A 175 -0.17 -15.50 5.73
CA ASP A 175 -0.55 -15.39 7.12
C ASP A 175 -1.75 -14.46 7.26
N VAL A 176 -2.60 -14.75 8.24
CA VAL A 176 -3.74 -13.91 8.57
C VAL A 176 -3.78 -13.74 10.08
N HIS A 177 -4.14 -12.54 10.53
N HIS A 177 -4.09 -12.52 10.52
CA HIS A 177 -4.24 -12.24 11.95
CA HIS A 177 -4.25 -12.19 11.92
C HIS A 177 -5.56 -11.54 12.23
C HIS A 177 -5.63 -11.61 12.14
N LEU A 178 -6.33 -12.09 13.17
CA LEU A 178 -7.65 -11.60 13.52
C LEU A 178 -7.60 -11.00 14.92
N VAL A 179 -7.80 -9.68 15.01
CA VAL A 179 -7.64 -8.95 16.26
C VAL A 179 -8.99 -8.41 16.69
N LEU A 180 -9.37 -8.70 17.93
CA LEU A 180 -10.51 -8.05 18.57
C LEU A 180 -10.05 -6.74 19.19
N VAL A 181 -10.83 -5.68 18.96
CA VAL A 181 -10.56 -4.35 19.49
C VAL A 181 -11.82 -3.91 20.22
N ARG A 182 -11.73 -3.77 21.54
CA ARG A 182 -12.87 -3.33 22.33
C ARG A 182 -12.40 -2.58 23.57
N SER A 183 -13.27 -1.74 24.10
CA SER A 183 -13.01 -1.04 25.35
C SER A 183 -13.21 -1.98 26.53
N GLU A 184 -12.27 -1.92 27.48
CA GLU A 184 -12.29 -2.80 28.64
C GLU A 184 -11.93 -1.99 29.88
N ILE A 185 -12.16 -2.60 31.05
CA ILE A 185 -11.90 -1.97 32.33
C ILE A 185 -10.96 -2.88 33.13
N SER A 186 -9.82 -2.34 33.53
CA SER A 186 -8.87 -3.10 34.32
C SER A 186 -9.36 -3.22 35.76
N GLN A 187 -8.63 -4.03 36.55
CA GLN A 187 -8.99 -4.21 37.96
C GLN A 187 -8.90 -2.89 38.73
N GLU A 188 -8.01 -1.99 38.31
CA GLU A 188 -7.88 -0.70 38.95
C GLU A 188 -9.01 0.26 38.58
N GLY A 189 -9.76 -0.03 37.53
CA GLY A 189 -10.81 0.85 37.06
C GLY A 189 -10.47 1.69 35.86
N MET A 190 -9.31 1.49 35.25
CA MET A 190 -8.89 2.26 34.09
C MET A 190 -9.59 1.74 32.83
N VAL A 191 -10.20 2.66 32.08
CA VAL A 191 -10.93 2.32 30.86
C VAL A 191 -9.98 2.54 29.68
N PHE A 192 -9.50 1.45 29.09
CA PHE A 192 -8.57 1.49 27.97
C PHE A 192 -9.12 0.65 26.83
N ARG A 193 -8.47 0.76 25.67
CA ARG A 193 -8.85 0.00 24.49
C ARG A 193 -7.78 -1.07 24.25
N ARG A 194 -8.19 -2.33 24.34
CA ARG A 194 -7.26 -3.45 24.28
C ARG A 194 -7.40 -4.21 22.98
N PHE A 195 -6.28 -4.70 22.48
CA PHE A 195 -6.24 -5.56 21.30
C PHE A 195 -6.08 -7.01 21.77
N HIS A 196 -6.90 -7.90 21.21
CA HIS A 196 -6.89 -9.31 21.57
C HIS A 196 -6.59 -10.14 20.33
N ASP A 197 -5.47 -10.86 20.37
CA ASP A 197 -5.17 -11.80 19.29
C ASP A 197 -6.09 -13.00 19.42
N LEU A 198 -6.86 -13.27 18.37
CA LEU A 198 -7.84 -14.36 18.37
C LEU A 198 -7.21 -15.59 17.74
N THR A 199 -7.16 -16.68 18.50
CA THR A 199 -6.61 -17.94 18.01
C THR A 199 -7.48 -18.49 16.88
N LEU A 200 -6.83 -18.94 15.81
CA LEU A 200 -7.51 -19.43 14.63
C LEU A 200 -7.20 -20.91 14.42
N THR A 201 -8.11 -21.61 13.74
CA THR A 201 -7.83 -22.98 13.38
C THR A 201 -6.62 -23.07 12.45
N ARG A 202 -6.48 -22.09 11.56
N ARG A 202 -6.49 -22.10 11.55
CA ARG A 202 -5.34 -22.01 10.64
CA ARG A 202 -5.32 -22.01 10.68
C ARG A 202 -4.96 -20.54 10.49
C ARG A 202 -4.96 -20.55 10.51
N SER A 203 -3.77 -20.17 10.96
CA SER A 203 -3.27 -18.81 10.78
C SER A 203 -2.25 -18.71 9.66
N ARG A 204 -1.78 -19.84 9.13
CA ARG A 204 -0.78 -19.88 8.08
C ARG A 204 -1.27 -20.84 7.01
N SER A 205 -1.42 -20.34 5.79
CA SER A 205 -1.73 -21.15 4.62
C SER A 205 -0.49 -21.18 3.74
N PRO A 206 0.22 -22.30 3.64
CA PRO A 206 1.51 -22.28 2.92
C PRO A 206 1.37 -21.87 1.45
N ILE A 207 0.26 -22.21 0.82
CA ILE A 207 0.00 -21.82 -0.56
C ILE A 207 -1.45 -21.37 -0.66
N PHE A 208 -1.66 -20.07 -0.74
CA PHE A 208 -2.99 -19.47 -0.88
C PHE A 208 -3.23 -19.23 -2.37
N SER A 209 -4.15 -20.00 -2.95
CA SER A 209 -4.43 -19.94 -4.38
C SER A 209 -5.82 -19.39 -4.70
N LEU A 210 -6.85 -19.79 -3.97
CA LEU A 210 -8.21 -19.51 -4.36
C LEU A 210 -8.98 -18.81 -3.25
N SER A 211 -9.49 -19.59 -2.30
CA SER A 211 -10.34 -19.06 -1.23
C SER A 211 -9.90 -19.65 0.10
N TRP A 212 -10.00 -18.84 1.15
CA TRP A 212 -9.52 -19.22 2.48
C TRP A 212 -10.55 -18.75 3.50
N THR A 213 -11.25 -19.69 4.13
CA THR A 213 -12.17 -19.37 5.20
C THR A 213 -11.39 -19.38 6.51
N VAL A 214 -11.40 -18.24 7.21
CA VAL A 214 -10.66 -18.06 8.45
C VAL A 214 -11.64 -18.24 9.60
N MET A 215 -11.23 -19.02 10.61
CA MET A 215 -12.14 -19.44 11.67
C MET A 215 -11.53 -19.18 13.04
N HIS A 216 -12.36 -18.70 13.96
CA HIS A 216 -11.97 -18.52 15.37
C HIS A 216 -12.93 -19.30 16.24
N PRO A 217 -12.54 -20.45 16.77
CA PRO A 217 -13.42 -21.17 17.70
C PRO A 217 -13.63 -20.36 18.97
N ILE A 218 -14.90 -20.14 19.32
CA ILE A 218 -15.26 -19.37 20.51
C ILE A 218 -15.45 -20.38 21.63
N ASP A 219 -14.35 -20.66 22.33
CA ASP A 219 -14.39 -21.53 23.51
C ASP A 219 -14.08 -20.69 24.75
N HIS A 220 -13.91 -21.38 25.88
CA HIS A 220 -13.69 -20.67 27.14
C HIS A 220 -12.45 -19.77 27.11
N HIS A 221 -11.52 -20.02 26.17
CA HIS A 221 -10.34 -19.17 26.07
C HIS A 221 -10.58 -17.92 25.23
N SER A 222 -11.62 -17.91 24.41
CA SER A 222 -11.84 -16.79 23.50
C SER A 222 -12.27 -15.54 24.28
N PRO A 223 -11.76 -14.36 23.90
CA PRO A 223 -12.23 -13.12 24.56
C PRO A 223 -13.64 -12.71 24.17
N ILE A 224 -14.31 -13.43 23.29
CA ILE A 224 -15.72 -13.20 23.00
C ILE A 224 -16.59 -14.35 23.48
N TYR A 225 -16.09 -15.16 24.41
CA TYR A 225 -16.88 -16.25 24.98
C TYR A 225 -17.99 -15.67 25.84
N GLY A 226 -19.22 -16.14 25.62
CA GLY A 226 -20.38 -15.64 26.32
C GLY A 226 -20.90 -14.32 25.80
N GLU A 227 -20.18 -13.64 24.93
CA GLU A 227 -20.66 -12.37 24.38
C GLU A 227 -21.84 -12.61 23.45
N THR A 228 -22.63 -11.55 23.25
CA THR A 228 -23.77 -11.56 22.37
C THR A 228 -23.68 -10.37 21.41
N ASP A 229 -24.64 -10.29 20.49
CA ASP A 229 -24.70 -9.14 19.60
C ASP A 229 -24.76 -7.84 20.39
N GLU A 230 -25.43 -7.84 21.55
CA GLU A 230 -25.57 -6.61 22.32
C GLU A 230 -24.26 -6.26 23.04
N THR A 231 -23.63 -7.25 23.67
CA THR A 231 -22.43 -6.95 24.46
C THR A 231 -21.30 -6.45 23.57
N LEU A 232 -21.20 -6.94 22.33
CA LEU A 232 -20.16 -6.46 21.45
C LEU A 232 -20.36 -5.00 21.08
N ARG A 233 -21.61 -4.55 20.96
CA ARG A 233 -21.87 -3.14 20.69
C ARG A 233 -21.55 -2.28 21.91
N ASN A 234 -22.01 -2.71 23.09
CA ASN A 234 -21.77 -1.93 24.30
C ASN A 234 -20.28 -1.73 24.54
N SER A 235 -19.47 -2.76 24.29
CA SER A 235 -18.03 -2.63 24.35
C SER A 235 -17.44 -2.00 23.09
N HIS A 236 -18.28 -1.67 22.10
CA HIS A 236 -17.82 -1.08 20.84
C HIS A 236 -16.79 -1.98 20.17
N SER A 237 -17.09 -3.28 20.12
CA SER A 237 -16.13 -4.25 19.62
C SER A 237 -15.93 -4.09 18.12
N GLU A 238 -14.67 -4.20 17.69
CA GLU A 238 -14.32 -4.20 16.29
C GLU A 238 -13.33 -5.33 16.04
N PHE A 239 -13.19 -5.72 14.78
CA PHE A 239 -12.37 -6.85 14.40
C PHE A 239 -11.45 -6.44 13.26
N LEU A 240 -10.15 -6.51 13.52
CA LEU A 240 -9.12 -6.11 12.57
C LEU A 240 -8.50 -7.35 11.96
N VAL A 241 -8.33 -7.34 10.63
CA VAL A 241 -7.77 -8.46 9.90
C VAL A 241 -6.59 -7.97 9.09
N LEU A 242 -5.46 -8.66 9.23
CA LEU A 242 -4.26 -8.40 8.44
C LEU A 242 -3.90 -9.66 7.67
N PHE A 243 -3.60 -9.51 6.39
CA PHE A 243 -3.16 -10.58 5.51
C PHE A 243 -1.77 -10.26 4.98
N THR A 244 -0.89 -11.26 4.97
CA THR A 244 0.48 -11.11 4.47
C THR A 244 0.89 -12.37 3.75
N GLY A 245 1.68 -12.21 2.69
CA GLY A 245 2.16 -13.34 1.94
C GLY A 245 3.17 -12.90 0.91
N HIS A 246 3.75 -13.89 0.22
CA HIS A 246 4.74 -13.65 -0.83
C HIS A 246 4.11 -14.00 -2.16
N HIS A 247 3.89 -12.98 -2.99
CA HIS A 247 3.13 -13.13 -4.23
C HIS A 247 4.05 -13.58 -5.35
N GLU A 248 3.73 -14.71 -5.98
CA GLU A 248 4.56 -15.22 -7.07
C GLU A 248 4.54 -14.31 -8.28
N ALA A 249 3.42 -13.60 -8.51
CA ALA A 249 3.35 -12.72 -9.66
C ALA A 249 4.46 -11.67 -9.62
N PHE A 250 4.75 -11.14 -8.43
CA PHE A 250 5.70 -10.04 -8.28
C PHE A 250 7.04 -10.48 -7.71
N ALA A 251 7.13 -11.67 -7.14
CA ALA A 251 8.29 -12.11 -6.38
C ALA A 251 8.59 -11.18 -5.20
N GLN A 252 7.59 -10.42 -4.76
CA GLN A 252 7.69 -9.57 -3.58
C GLN A 252 6.64 -9.98 -2.57
N ASN A 253 6.80 -9.47 -1.35
CA ASN A 253 5.78 -9.62 -0.33
C ASN A 253 4.64 -8.65 -0.58
N VAL A 254 3.45 -9.03 -0.12
CA VAL A 254 2.25 -8.21 -0.24
C VAL A 254 1.51 -8.28 1.08
N HIS A 255 0.56 -7.36 1.26
CA HIS A 255 -0.28 -7.41 2.44
C HIS A 255 -1.59 -6.67 2.14
N ALA A 256 -2.58 -6.92 2.99
CA ALA A 256 -3.89 -6.30 2.87
C ALA A 256 -4.53 -6.29 4.24
N ARG A 257 -5.31 -5.24 4.50
CA ARG A 257 -5.93 -5.04 5.80
C ARG A 257 -7.41 -4.73 5.63
N HIS A 258 -8.19 -5.12 6.63
CA HIS A 258 -9.62 -4.91 6.63
C HIS A 258 -10.08 -4.85 8.08
N ALA A 259 -11.24 -4.23 8.31
CA ALA A 259 -11.80 -4.13 9.64
C ALA A 259 -13.31 -4.28 9.58
N TYR A 260 -13.86 -4.94 10.60
CA TYR A 260 -15.30 -5.13 10.72
C TYR A 260 -15.80 -4.51 12.01
N SER A 261 -17.06 -4.08 11.98
CA SER A 261 -17.76 -3.63 13.18
C SER A 261 -18.67 -4.74 13.67
N SER A 262 -19.08 -4.63 14.94
CA SER A 262 -20.02 -5.60 15.49
C SER A 262 -21.29 -5.69 14.65
N ASP A 263 -21.73 -4.56 14.08
CA ASP A 263 -22.94 -4.55 13.26
C ASP A 263 -22.82 -5.42 12.02
N GLU A 264 -21.61 -5.86 11.67
CA GLU A 264 -21.37 -6.61 10.45
C GLU A 264 -21.11 -8.09 10.72
N ILE A 265 -21.43 -8.56 11.92
CA ILE A 265 -21.41 -9.99 12.23
C ILE A 265 -22.82 -10.52 12.06
N ILE A 266 -22.98 -11.49 11.16
CA ILE A 266 -24.28 -12.13 10.94
C ILE A 266 -24.32 -13.39 11.80
N TRP A 267 -24.96 -13.29 12.96
CA TRP A 267 -25.07 -14.43 13.86
C TRP A 267 -25.92 -15.54 13.24
N GLY A 268 -25.44 -16.77 13.34
CA GLY A 268 -26.08 -17.90 12.68
C GLY A 268 -25.81 -18.02 11.20
N GLY A 269 -25.06 -17.09 10.61
CA GLY A 269 -24.85 -17.12 9.18
C GLY A 269 -23.85 -18.19 8.75
N HIS A 270 -23.97 -18.60 7.48
CA HIS A 270 -23.07 -19.56 6.87
C HIS A 270 -22.64 -18.99 5.52
N PHE A 271 -21.33 -18.97 5.26
CA PHE A 271 -20.86 -18.54 3.95
C PHE A 271 -21.27 -19.58 2.92
N VAL A 272 -21.84 -19.10 1.80
CA VAL A 272 -22.21 -19.99 0.72
C VAL A 272 -20.96 -20.50 0.03
N ASP A 273 -20.93 -21.81 -0.25
CA ASP A 273 -19.79 -22.41 -0.92
C ASP A 273 -19.52 -21.72 -2.25
N VAL A 274 -18.29 -21.24 -2.44
CA VAL A 274 -17.89 -20.67 -3.72
C VAL A 274 -17.35 -21.73 -4.68
N PHE A 275 -17.15 -22.95 -4.22
CA PHE A 275 -16.71 -24.04 -5.09
C PHE A 275 -17.95 -24.77 -5.60
N THR A 276 -18.11 -24.78 -6.93
CA THR A 276 -19.24 -25.42 -7.58
C THR A 276 -18.75 -26.47 -8.55
N THR A 277 -19.60 -27.47 -8.80
CA THR A 277 -19.29 -28.56 -9.71
C THR A 277 -19.99 -28.31 -11.04
N LEU A 278 -19.21 -28.10 -12.09
CA LEU A 278 -19.75 -27.89 -13.42
C LEU A 278 -20.35 -29.19 -13.96
N PRO A 279 -21.18 -29.10 -15.01
CA PRO A 279 -21.70 -30.34 -15.60
C PRO A 279 -20.61 -31.26 -16.13
N ASP A 280 -19.45 -30.73 -16.51
CA ASP A 280 -18.35 -31.53 -17.02
C ASP A 280 -17.59 -32.27 -15.92
N GLY A 281 -17.90 -32.03 -14.66
CA GLY A 281 -17.14 -32.58 -13.56
C GLY A 281 -15.94 -31.76 -13.16
N ARG A 282 -15.68 -30.64 -13.85
CA ARG A 282 -14.59 -29.75 -13.48
C ARG A 282 -14.96 -28.96 -12.23
N ARG A 283 -14.03 -28.89 -11.27
CA ARG A 283 -14.23 -28.04 -10.10
C ARG A 283 -14.01 -26.59 -10.50
N ALA A 284 -14.91 -25.71 -10.04
CA ALA A 284 -14.89 -24.31 -10.42
C ALA A 284 -14.94 -23.42 -9.18
N LEU A 285 -14.60 -22.15 -9.39
CA LEU A 285 -14.62 -21.15 -8.33
C LEU A 285 -15.50 -20.00 -8.80
N ASP A 286 -16.66 -19.82 -8.16
CA ASP A 286 -17.59 -18.76 -8.48
C ASP A 286 -17.50 -17.70 -7.39
N LEU A 287 -16.76 -16.63 -7.68
CA LEU A 287 -16.63 -15.54 -6.72
C LEU A 287 -17.86 -14.66 -6.64
N GLY A 288 -18.89 -14.94 -7.44
CA GLY A 288 -20.13 -14.20 -7.31
C GLY A 288 -20.86 -14.50 -6.02
N LYS A 289 -20.64 -15.67 -5.44
CA LYS A 289 -21.22 -16.06 -4.17
C LYS A 289 -20.34 -15.69 -2.98
N PHE A 290 -19.22 -15.00 -3.20
CA PHE A 290 -18.22 -14.81 -2.15
C PHE A 290 -18.80 -14.06 -0.96
N HIS A 291 -19.65 -13.06 -1.21
CA HIS A 291 -20.28 -12.29 -0.15
C HIS A 291 -21.64 -12.84 0.27
N GLU A 292 -22.08 -13.96 -0.31
CA GLU A 292 -23.38 -14.50 0.03
C GLU A 292 -23.32 -15.27 1.34
N ILE A 293 -24.33 -15.06 2.18
CA ILE A 293 -24.41 -15.67 3.50
C ILE A 293 -25.82 -16.18 3.71
N ALA A 294 -25.94 -17.43 4.18
CA ALA A 294 -27.22 -18.07 4.40
C ALA A 294 -27.68 -17.86 5.83
N GLN A 295 -28.93 -17.43 5.99
CA GLN A 295 -29.55 -17.21 7.30
C GLN A 295 -30.78 -18.09 7.44
N HIS A 296 -31.02 -18.57 8.65
CA HIS A 296 -32.20 -19.34 8.98
C HIS A 296 -33.23 -18.43 9.61
N HIS A 297 -34.50 -18.60 9.23
CA HIS A 297 -35.59 -17.82 9.80
C HIS A 297 -36.74 -18.71 10.30
C11 PCW B . 17.66 18.47 3.38
C12 PCW B . 18.17 17.41 2.41
C13 PCW B . 17.20 17.14 1.26
C14 PCW B . 17.84 16.37 0.11
C15 PCW B . 16.81 15.71 -0.80
C16 PCW B . 17.30 15.60 -2.25
C17 PCW B . 16.30 14.87 -3.13
C18 PCW B . 16.39 15.31 -4.59
C19 PCW B . 15.44 14.50 -5.49
C20 PCW B . 15.51 14.94 -6.96
C21 PCW B . 15.15 13.82 -7.93
H121 PCW B . 19.01 17.70 2.04
H122 PCW B . 18.31 16.58 2.90
H131 PCW B . 16.88 17.99 0.93
H132 PCW B . 16.45 16.64 1.60
H141 PCW B . 18.42 15.68 0.48
H142 PCW B . 18.39 16.98 -0.41
H151 PCW B . 15.99 16.23 -0.79
H152 PCW B . 16.62 14.82 -0.47
H161 PCW B . 17.44 16.49 -2.60
H162 PCW B . 18.14 15.11 -2.26
H171 PCW B . 16.47 13.91 -3.07
H172 PCW B . 15.41 15.05 -2.80
H181 PCW B . 17.29 15.18 -4.90
H182 PCW B . 16.16 16.25 -4.65
H19 PCW B . 15.67 13.56 -5.43
H20 PCW B . 16.41 15.24 -7.14
H211 PCW B . 15.93 13.27 -8.08
H212 PCW B . 14.45 13.26 -7.53
C11 PCW C . 8.05 9.67 -13.79
C12 PCW C . 6.90 9.13 -14.63
C13 PCW C . 6.24 7.92 -13.97
C14 PCW C . 4.83 7.64 -14.49
C15 PCW C . 4.17 6.50 -13.71
C16 PCW C . 2.65 6.61 -13.70
C17 PCW C . 1.99 5.54 -12.83
C18 PCW C . 0.58 5.93 -12.41
C19 PCW C . -0.10 4.86 -11.56
C20 PCW C . -1.22 5.44 -10.69
C21 PCW C . -2.09 4.36 -10.07
H121 PCW C . 7.24 8.88 -15.50
H122 PCW C . 6.24 9.83 -14.74
H131 PCW C . 6.80 7.14 -14.13
H132 PCW C . 6.19 8.08 -13.01
H141 PCW C . 4.88 7.40 -15.42
H142 PCW C . 4.30 8.44 -14.39
H151 PCW C . 4.50 6.52 -12.79
H152 PCW C . 4.42 5.66 -14.12
H161 PCW C . 2.41 7.49 -13.36
H162 PCW C . 2.32 6.52 -14.60
H171 PCW C . 1.96 4.70 -13.32
H172 PCW C . 2.53 5.41 -12.02
H181 PCW C . 0.61 6.76 -11.91
H182 PCW C . 0.04 6.07 -13.21
H19 PCW C . 0.56 4.45 -10.99
H20 PCW C . -0.82 5.96 -9.98
H211 PCW C . -2.67 3.98 -10.75
H212 PCW C . -1.54 3.66 -9.70
CAA TMO D . 12.96 -2.22 -2.64
NAC TMO D . 11.67 -1.54 -2.52
CAD TMO D . 10.96 -1.61 -3.79
CAB TMO D . 10.88 -2.19 -1.50
OAE TMO D . 11.90 -0.20 -2.17
HAA TMO D . 12.81 -3.16 -2.80
HAAA TMO D . 13.46 -2.11 -1.82
HAAB TMO D . 13.46 -1.84 -3.38
HAD TMO D . 10.09 -1.21 -3.68
HADA TMO D . 10.86 -2.54 -4.05
HADB TMO D . 11.46 -1.13 -4.46
HAB TMO D . 10.55 -3.04 -1.82
HABA TMO D . 11.42 -2.33 -0.71
HABB TMO D . 10.12 -1.62 -1.27
C11 PCW E . 21.83 17.84 -8.83
C12 PCW E . 21.02 18.54 -9.91
C13 PCW E . 20.57 17.58 -11.01
C14 PCW E . 19.20 17.93 -11.61
C15 PCW E . 18.80 16.97 -12.72
C16 PCW E . 17.30 16.67 -12.74
C17 PCW E . 16.94 15.52 -13.67
H121 PCW E . 21.56 19.24 -10.31
H122 PCW E . 20.24 18.94 -9.51
H131 PCW E . 20.51 16.68 -10.64
H132 PCW E . 21.23 17.58 -11.72
H141 PCW E . 19.25 18.83 -11.96
H142 PCW E . 18.53 17.90 -10.91
H151 PCW E . 19.29 16.14 -12.62
H152 PCW E . 19.04 17.37 -13.58
H161 PCW E . 17.03 16.42 -11.83
H162 PCW E . 16.82 17.47 -13.01
H171 PCW E . 17.43 15.63 -14.50
H172 PCW E . 17.20 14.68 -13.26
C1 OCT F . 16.95 9.32 -15.77
C2 OCT F . 16.98 8.46 -17.03
C3 OCT F . 18.34 8.56 -17.72
C4 OCT F . 18.86 7.28 -18.41
C5 OCT F . 18.14 5.99 -18.02
C6 OCT F . 18.24 5.63 -16.54
C7 OCT F . 16.90 5.14 -16.00
C8 OCT F . 17.08 4.01 -15.00
H11 OCT F . 16.93 10.26 -16.01
H12 OCT F . 17.73 9.14 -15.23
H13 OCT F . 16.15 9.11 -15.25
H21 OCT F . 16.80 7.54 -16.79
H22 OCT F . 16.29 8.77 -17.64
H31 OCT F . 18.29 9.25 -18.40
H32 OCT F . 19.00 8.81 -17.06
H41 OCT F . 18.76 7.41 -19.38
H42 OCT F . 19.80 7.19 -18.20
H51 OCT F . 18.53 5.26 -18.54
H52 OCT F . 17.20 6.08 -18.27
H61 OCT F . 18.90 4.94 -16.42
H62 OCT F . 18.51 6.42 -16.04
H71 OCT F . 16.44 5.88 -15.56
H72 OCT F . 16.35 4.82 -16.73
H81 OCT F . 16.95 3.16 -15.45
H82 OCT F . 16.41 4.10 -14.30
K K G . 26.66 16.02 -32.59
K K H . 24.80 12.60 -27.82
K K I . 23.76 10.69 -25.15
K K J . 22.45 8.27 -21.78
K K K . 17.62 -0.63 -9.36
K K L . 22.47 10.46 -19.46
K K M . 16.57 2.11 -12.38
#